data_7H5Z
#
_entry.id   7H5Z
#
_cell.length_a   46.010
_cell.length_b   74.070
_cell.length_c   53.810
_cell.angle_alpha   90.000
_cell.angle_beta   109.860
_cell.angle_gamma   90.000
#
_symmetry.space_group_name_H-M   'P 1 21 1'
#
loop_
_entity.id
_entity.type
_entity.pdbx_description
1 polymer Endothiapepsin
2 non-polymer 'DIMETHYL SULFOXIDE'
3 non-polymer 1,10-PHENANTHROLINE
4 water water
#
_entity_poly.entity_id   1
_entity_poly.type   'polypeptide(L)'
_entity_poly.pdbx_seq_one_letter_code
;STGSATTTPIDSLDDAYITPVQIGTPAQTLNLDFDTGSSDLWVFSSETTASEVDGQTIYTPSKSTTAKLLSGATWSISYG
DGSSSSGDVYTDTVSVGGLTVTGQAVESAKKVSSSFTEDSTIDGLLGLAFSTLNTVSPTQQKTFFDNAKASLDSPVFTAD
LGYHAPGTYNFGFIDTTAYTGSITYTAVSTKQGFWEWTSTGYAVGSGTFKSTSIDGIADTGTTLLYLPATVVSAYWAQVS
GAKSSSSVGGYVFPCSATLPSFTFGVGSARIVIPGDYIDFGPISTGSSSCFGGIQSSAGIGINIFGDVALKAAFVVFNGA
TTPTLGFASK
;
_entity_poly.pdbx_strand_id   A
#
loop_
_chem_comp.id
_chem_comp.type
_chem_comp.name
_chem_comp.formula
DMS non-polymer 'DIMETHYL SULFOXIDE' 'C2 H6 O S'
PHN non-polymer 1,10-PHENANTHROLINE 'C12 H8 N2'
#
# COMPACT_ATOMS: atom_id res chain seq x y z
N SER A 1 -24.12 -3.25 -0.76
CA SER A 1 -23.47 -2.61 -1.89
C SER A 1 -22.04 -3.11 -2.08
N THR A 2 -21.51 -2.94 -3.29
CA THR A 2 -20.14 -3.32 -3.62
C THR A 2 -19.45 -2.18 -4.43
N GLY A 3 -18.13 -2.27 -4.55
CA GLY A 3 -17.31 -1.34 -5.32
C GLY A 3 -16.19 -2.11 -5.98
N SER A 4 -15.81 -1.75 -7.20
CA SER A 4 -14.70 -2.41 -7.89
C SER A 4 -13.95 -1.39 -8.73
N ALA A 5 -12.63 -1.27 -8.53
CA ALA A 5 -11.86 -0.29 -9.28
C ALA A 5 -10.53 -0.84 -9.76
N THR A 6 -10.08 -0.40 -10.94
CA THR A 6 -8.80 -0.84 -11.48
C THR A 6 -7.69 0.00 -10.90
N THR A 7 -6.57 -0.63 -10.56
CA THR A 7 -5.38 0.02 -10.05
C THR A 7 -4.24 -0.21 -11.07
N THR A 8 -3.45 0.83 -11.31
CA THR A 8 -2.45 0.80 -12.37
C THR A 8 -1.10 1.23 -11.81
N PRO A 9 -0.01 0.53 -12.15
CA PRO A 9 1.30 0.97 -11.68
C PRO A 9 1.65 2.35 -12.27
N ILE A 10 2.32 3.20 -11.50
CA ILE A 10 2.69 4.54 -11.98
C ILE A 10 3.88 4.53 -12.95
N ASP A 11 4.66 3.46 -12.97
CA ASP A 11 5.84 3.36 -13.81
C ASP A 11 6.15 1.91 -14.15
N SER A 12 7.23 1.67 -14.91
CA SER A 12 7.67 0.36 -15.38
C SER A 12 8.25 -0.54 -14.28
N LEU A 13 8.50 0.01 -13.09
CA LEU A 13 9.03 -0.77 -11.97
C LEU A 13 7.97 -1.17 -10.95
N ASP A 14 6.71 -0.67 -11.08
CA ASP A 14 5.63 -0.91 -10.11
C ASP A 14 6.02 -0.25 -8.77
N ASP A 15 6.58 0.98 -8.83
CA ASP A 15 6.97 1.68 -7.60
C ASP A 15 5.78 2.01 -6.72
N ALA A 16 4.60 2.22 -7.33
CA ALA A 16 3.33 2.52 -6.66
C ALA A 16 2.14 2.24 -7.60
N TYR A 17 0.92 2.14 -7.06
CA TYR A 17 -0.29 1.88 -7.82
C TYR A 17 -1.29 3.02 -7.57
N ILE A 18 -1.95 3.49 -8.64
CA ILE A 18 -2.95 4.56 -8.53
C ILE A 18 -4.31 4.05 -8.93
N THR A 19 -5.33 4.52 -8.22
CA THR A 19 -6.70 4.09 -8.45
C THR A 19 -7.56 5.35 -8.52
N PRO A 20 -8.36 5.49 -9.55
CA PRO A 20 -9.22 6.68 -9.66
C PRO A 20 -10.31 6.73 -8.58
N VAL A 21 -10.47 7.92 -7.97
CA VAL A 21 -11.45 8.15 -6.91
C VAL A 21 -12.25 9.41 -7.25
N GLN A 22 -13.57 9.35 -7.12
CA GLN A 22 -14.42 10.52 -7.39
C GLN A 22 -14.69 11.25 -6.07
N ILE A 23 -14.37 12.54 -6.00
CA ILE A 23 -14.61 13.32 -4.81
C ILE A 23 -15.47 14.56 -5.14
N GLY A 24 -16.52 14.79 -4.37
CA GLY A 24 -17.34 15.98 -4.52
C GLY A 24 -18.50 15.87 -5.48
N THR A 25 -19.28 16.97 -5.58
CA THR A 25 -20.43 17.06 -6.50
C THR A 25 -20.38 18.40 -7.23
N PRO A 26 -20.25 18.42 -8.57
CA PRO A 26 -20.04 17.28 -9.49
C PRO A 26 -18.67 16.61 -9.23
N ALA A 27 -18.54 15.32 -9.57
CA ALA A 27 -17.33 14.56 -9.31
C ALA A 27 -16.03 15.20 -9.79
N GLN A 28 -14.98 15.13 -8.97
CA GLN A 28 -13.65 15.55 -9.36
C GLN A 28 -12.86 14.25 -9.22
N THR A 29 -12.28 13.76 -10.31
CA THR A 29 -11.57 12.49 -10.26
C THR A 29 -10.11 12.71 -9.97
N LEU A 30 -9.63 12.08 -8.90
CA LEU A 30 -8.23 12.15 -8.50
C LEU A 30 -7.65 10.70 -8.47
N ASN A 31 -6.37 10.54 -8.82
CA ASN A 31 -5.73 9.23 -8.80
C ASN A 31 -5.00 9.07 -7.48
N LEU A 32 -5.56 8.23 -6.61
CA LEU A 32 -4.98 8.05 -5.28
C LEU A 32 -4.24 6.73 -5.10
N ASP A 33 -3.24 6.74 -4.23
CA ASP A 33 -2.45 5.61 -3.82
C ASP A 33 -3.15 4.95 -2.63
N PHE A 34 -3.77 3.77 -2.82
CA PHE A 34 -4.47 3.04 -1.76
C PHE A 34 -3.42 2.43 -0.82
N ASP A 35 -3.42 2.92 0.42
CA ASP A 35 -2.38 2.60 1.37
C ASP A 35 -2.92 1.84 2.58
N THR A 36 -2.68 0.51 2.67
CA THR A 36 -3.17 -0.22 3.87
C THR A 36 -2.24 -0.02 5.12
N GLY A 37 -1.21 0.82 4.99
CA GLY A 37 -0.30 1.13 6.08
C GLY A 37 -0.54 2.49 6.71
N SER A 38 -1.60 3.22 6.29
CA SER A 38 -1.97 4.51 6.89
C SER A 38 -3.49 4.70 6.90
N SER A 39 -4.00 5.71 7.61
CA SER A 39 -5.45 5.84 7.79
C SER A 39 -5.99 7.22 7.50
N ASP A 40 -5.30 8.00 6.66
CA ASP A 40 -5.74 9.35 6.30
C ASP A 40 -6.09 9.39 4.80
N LEU A 41 -7.17 10.07 4.45
CA LEU A 41 -7.52 10.27 3.06
C LEU A 41 -7.12 11.70 2.82
N TRP A 42 -5.95 11.92 2.22
CA TRP A 42 -5.49 13.28 1.96
C TRP A 42 -5.21 13.50 0.50
N VAL A 43 -5.45 14.73 0.04
CA VAL A 43 -5.30 15.07 -1.36
C VAL A 43 -4.60 16.42 -1.58
N PHE A 44 -3.99 16.58 -2.76
CA PHE A 44 -3.49 17.86 -3.24
C PHE A 44 -4.76 18.73 -3.50
N SER A 45 -4.71 20.03 -3.21
CA SER A 45 -5.90 20.87 -3.36
C SER A 45 -5.61 22.31 -3.79
N SER A 46 -6.68 23.12 -3.98
CA SER A 46 -6.56 24.54 -4.29
C SER A 46 -5.82 25.31 -3.17
N GLU A 47 -5.77 24.76 -1.94
CA GLU A 47 -5.10 25.34 -0.76
C GLU A 47 -3.62 24.97 -0.65
N THR A 48 -3.14 23.95 -1.40
CA THR A 48 -1.73 23.56 -1.33
C THR A 48 -0.86 24.70 -1.85
N THR A 49 0.29 24.96 -1.20
CA THR A 49 1.27 25.99 -1.59
C THR A 49 1.63 25.80 -3.06
N ALA A 50 1.35 26.80 -3.91
CA ALA A 50 1.55 26.76 -5.35
C ALA A 50 2.88 26.14 -5.80
N SER A 51 3.99 26.47 -5.11
CA SER A 51 5.33 25.95 -5.45
C SER A 51 5.50 24.44 -5.16
N GLU A 52 4.64 23.88 -4.31
CA GLU A 52 4.72 22.46 -3.95
C GLU A 52 3.84 21.56 -4.83
N VAL A 53 3.23 22.11 -5.88
CA VAL A 53 2.38 21.36 -6.81
C VAL A 53 3.11 21.28 -8.15
N ASP A 54 3.37 20.07 -8.64
CA ASP A 54 4.05 19.88 -9.91
C ASP A 54 3.33 18.86 -10.82
N GLY A 55 2.20 19.24 -11.36
CA GLY A 55 1.46 18.37 -12.28
C GLY A 55 0.33 17.52 -11.72
N GLN A 56 0.14 17.52 -10.40
CA GLN A 56 -0.95 16.75 -9.79
C GLN A 56 -2.30 17.36 -10.09
N THR A 57 -3.36 16.54 -10.08
CA THR A 57 -4.72 17.04 -10.20
C THR A 57 -5.10 17.48 -8.77
N ILE A 58 -5.65 18.69 -8.62
CA ILE A 58 -6.03 19.17 -7.30
C ILE A 58 -7.52 19.10 -7.06
N TYR A 59 -7.89 18.92 -5.79
CA TYR A 59 -9.29 18.93 -5.40
C TYR A 59 -9.64 20.39 -5.05
N THR A 60 -10.80 20.88 -5.51
CA THR A 60 -11.20 22.26 -5.25
C THR A 60 -12.52 22.25 -4.49
N PRO A 61 -12.46 22.34 -3.15
CA PRO A 61 -13.71 22.28 -2.37
C PRO A 61 -14.69 23.40 -2.69
N SER A 62 -14.21 24.56 -3.20
CA SER A 62 -15.11 25.66 -3.55
C SER A 62 -16.05 25.32 -4.72
N LYS A 63 -15.64 24.35 -5.57
CA LYS A 63 -16.43 23.88 -6.71
C LYS A 63 -17.32 22.68 -6.39
N SER A 64 -17.29 22.18 -5.15
CA SER A 64 -18.14 21.05 -4.77
C SER A 64 -19.30 21.55 -3.93
N THR A 65 -20.54 21.28 -4.37
CA THR A 65 -21.74 21.69 -3.65
C THR A 65 -21.96 20.92 -2.35
N THR A 66 -21.29 19.77 -2.18
CA THR A 66 -21.42 18.94 -0.98
C THR A 66 -20.23 19.08 -0.01
N ALA A 67 -19.21 19.88 -0.34
CA ALA A 67 -18.05 20.07 0.53
C ALA A 67 -18.42 20.92 1.75
N LYS A 68 -17.91 20.55 2.94
CA LYS A 68 -18.16 21.32 4.16
C LYS A 68 -16.87 21.44 4.93
N LEU A 69 -16.45 22.65 5.33
CA LEU A 69 -15.23 22.81 6.13
C LEU A 69 -15.51 22.25 7.52
N LEU A 70 -14.62 21.39 8.01
CA LEU A 70 -14.76 20.80 9.35
C LEU A 70 -14.03 21.79 10.24
N SER A 71 -14.80 22.74 10.75
CA SER A 71 -14.33 23.86 11.54
C SER A 71 -13.34 23.50 12.64
N GLY A 72 -12.13 24.06 12.54
CA GLY A 72 -11.09 23.86 13.53
C GLY A 72 -10.29 22.58 13.45
N ALA A 73 -10.68 21.65 12.55
CA ALA A 73 -9.94 20.39 12.42
C ALA A 73 -8.68 20.59 11.60
N THR A 74 -7.59 19.94 12.01
CA THR A 74 -6.29 19.97 11.34
C THR A 74 -5.75 18.53 11.27
N TRP A 75 -4.75 18.30 10.41
CA TRP A 75 -4.12 16.99 10.28
C TRP A 75 -2.65 17.19 9.97
N SER A 76 -1.85 16.22 10.34
CA SER A 76 -0.42 16.29 10.13
C SER A 76 0.09 14.87 10.12
N ILE A 77 0.77 14.47 9.06
CA ILE A 77 1.26 13.10 8.97
C ILE A 77 2.76 13.09 8.64
N SER A 78 3.50 12.15 9.26
CA SER A 78 4.93 11.95 9.05
C SER A 78 5.14 10.47 8.74
N TYR A 79 5.27 10.13 7.46
CA TYR A 79 5.45 8.75 7.00
C TYR A 79 6.85 8.16 7.34
N GLY A 80 6.97 6.84 7.22
CA GLY A 80 8.19 6.09 7.51
C GLY A 80 9.42 6.47 6.71
N ASP A 81 9.23 7.00 5.49
CA ASP A 81 10.35 7.38 4.63
C ASP A 81 10.82 8.84 4.79
N GLY A 82 10.41 9.51 5.87
CA GLY A 82 10.79 10.90 6.09
C GLY A 82 9.92 11.93 5.39
N SER A 83 8.89 11.46 4.65
CA SER A 83 7.96 12.36 3.95
C SER A 83 6.83 12.83 4.89
N SER A 84 6.27 14.01 4.63
CA SER A 84 5.23 14.56 5.48
C SER A 84 4.25 15.49 4.72
N SER A 85 3.06 15.65 5.26
CA SER A 85 2.06 16.55 4.71
C SER A 85 1.12 16.99 5.84
N SER A 86 0.43 18.12 5.64
CA SER A 86 -0.48 18.67 6.66
C SER A 86 -1.46 19.66 6.03
N GLY A 87 -2.56 19.94 6.75
CA GLY A 87 -3.53 20.91 6.28
C GLY A 87 -4.82 20.93 7.07
N ASP A 88 -5.90 21.35 6.40
CA ASP A 88 -7.21 21.40 7.02
C ASP A 88 -8.11 20.25 6.51
N VAL A 89 -9.33 20.12 7.07
CA VAL A 89 -10.21 19.01 6.75
C VAL A 89 -11.55 19.47 6.22
N TYR A 90 -12.05 18.77 5.18
CA TYR A 90 -13.40 18.94 4.66
C TYR A 90 -14.15 17.62 4.78
N THR A 91 -15.47 17.67 4.73
CA THR A 91 -16.29 16.47 4.60
C THR A 91 -16.89 16.59 3.17
N ASP A 92 -16.98 15.47 2.45
CA ASP A 92 -17.51 15.47 1.08
C ASP A 92 -17.92 14.06 0.68
N THR A 93 -18.61 13.93 -0.45
CA THR A 93 -19.01 12.63 -0.96
C THR A 93 -17.81 12.04 -1.69
N VAL A 94 -17.51 10.77 -1.41
CA VAL A 94 -16.36 10.08 -2.02
C VAL A 94 -16.86 8.76 -2.59
N SER A 95 -16.54 8.45 -3.87
CA SER A 95 -16.93 7.18 -4.47
C SER A 95 -15.73 6.47 -5.05
N VAL A 96 -15.70 5.15 -4.90
CA VAL A 96 -14.64 4.29 -5.44
C VAL A 96 -15.31 3.16 -6.22
N GLY A 97 -15.15 3.18 -7.54
CA GLY A 97 -15.72 2.13 -8.40
C GLY A 97 -17.20 1.87 -8.21
N GLY A 98 -17.97 2.94 -8.02
CA GLY A 98 -19.41 2.85 -7.83
C GLY A 98 -19.89 2.79 -6.38
N LEU A 99 -18.96 2.64 -5.42
CA LEU A 99 -19.33 2.57 -4.00
C LEU A 99 -19.21 3.97 -3.41
N THR A 100 -20.31 4.51 -2.92
CA THR A 100 -20.35 5.89 -2.43
C THR A 100 -20.45 6.05 -0.91
N VAL A 101 -19.63 6.93 -0.35
CA VAL A 101 -19.72 7.27 1.05
C VAL A 101 -19.96 8.77 1.15
N THR A 102 -20.99 9.18 1.87
CA THR A 102 -21.26 10.61 2.07
C THR A 102 -20.67 11.03 3.42
N GLY A 103 -20.18 12.26 3.52
CA GLY A 103 -19.62 12.78 4.76
C GLY A 103 -18.30 12.15 5.15
N GLN A 104 -17.49 11.80 4.14
CA GLN A 104 -16.16 11.24 4.35
C GLN A 104 -15.24 12.40 4.61
N ALA A 105 -14.35 12.28 5.60
CA ALA A 105 -13.34 13.30 5.84
C ALA A 105 -12.30 13.27 4.68
N VAL A 106 -12.12 14.43 4.02
CA VAL A 106 -11.17 14.60 2.95
C VAL A 106 -10.17 15.63 3.46
N GLU A 107 -8.94 15.19 3.68
CA GLU A 107 -7.93 16.03 4.25
C GLU A 107 -7.20 16.84 3.19
N SER A 108 -7.47 18.14 3.16
CA SER A 108 -6.89 19.04 2.18
C SER A 108 -5.46 19.44 2.58
N ALA A 109 -4.48 19.13 1.73
CA ALA A 109 -3.10 19.48 2.01
C ALA A 109 -2.79 20.94 1.76
N LYS A 110 -2.24 21.60 2.76
CA LYS A 110 -1.76 22.97 2.66
C LYS A 110 -0.23 22.93 2.42
N LYS A 111 0.47 21.96 3.04
CA LYS A 111 1.89 21.74 2.88
C LYS A 111 2.15 20.28 2.56
N VAL A 112 3.02 20.02 1.59
CA VAL A 112 3.46 18.66 1.26
C VAL A 112 4.98 18.65 1.15
N SER A 113 5.62 17.55 1.58
CA SER A 113 7.08 17.44 1.46
C SER A 113 7.47 17.19 0.00
N SER A 114 8.73 17.47 -0.35
CA SER A 114 9.24 17.37 -1.70
C SER A 114 9.03 16.01 -2.39
N SER A 115 9.10 14.88 -1.66
CA SER A 115 8.91 13.57 -2.31
C SER A 115 7.50 13.37 -2.89
N PHE A 116 6.47 14.04 -2.32
CA PHE A 116 5.13 13.96 -2.88
C PHE A 116 5.05 14.85 -4.12
N THR A 117 5.62 16.07 -4.04
CA THR A 117 5.69 17.03 -5.14
C THR A 117 6.31 16.42 -6.41
N GLU A 118 7.40 15.64 -6.23
CA GLU A 118 8.13 14.98 -7.32
C GLU A 118 7.33 13.88 -8.04
N ASP A 119 6.40 13.20 -7.34
CA ASP A 119 5.57 12.16 -7.92
C ASP A 119 4.31 12.79 -8.50
N SER A 120 4.41 13.35 -9.73
CA SER A 120 3.28 14.03 -10.39
C SER A 120 2.08 13.13 -10.68
N THR A 121 2.25 11.81 -10.72
CA THR A 121 1.15 10.87 -11.02
C THR A 121 0.30 10.52 -9.78
N ILE A 122 0.75 10.91 -8.56
CA ILE A 122 0.00 10.58 -7.36
C ILE A 122 -0.69 11.85 -6.80
N ASP A 123 -2.03 11.88 -6.83
CA ASP A 123 -2.81 13.03 -6.36
C ASP A 123 -3.12 13.02 -4.85
N GLY A 124 -2.77 11.95 -4.17
CA GLY A 124 -3.03 11.80 -2.75
C GLY A 124 -3.07 10.35 -2.32
N LEU A 125 -3.39 10.13 -1.03
CA LEU A 125 -3.44 8.78 -0.47
C LEU A 125 -4.80 8.44 0.07
N LEU A 126 -5.16 7.18 -0.02
CA LEU A 126 -6.41 6.71 0.59
C LEU A 126 -6.02 5.63 1.57
N GLY A 127 -6.03 6.00 2.85
CA GLY A 127 -5.63 5.12 3.94
C GLY A 127 -6.65 4.06 4.24
N LEU A 128 -6.20 2.79 4.30
CA LEU A 128 -7.00 1.59 4.55
C LEU A 128 -6.52 0.78 5.78
N ALA A 129 -5.63 1.38 6.62
CA ALA A 129 -5.26 0.76 7.90
C ALA A 129 -6.48 1.04 8.92
N PHE A 130 -6.33 0.73 10.24
CA PHE A 130 -7.41 0.93 11.19
C PHE A 130 -7.54 2.41 11.58
N SER A 131 -8.76 2.88 11.84
CA SER A 131 -9.01 4.30 12.12
C SER A 131 -8.28 4.89 13.34
N THR A 132 -7.71 4.05 14.23
CA THR A 132 -6.92 4.57 15.34
C THR A 132 -5.65 5.30 14.90
N LEU A 133 -5.19 5.09 13.65
CA LEU A 133 -4.01 5.80 13.15
C LEU A 133 -4.33 7.15 12.50
N ASN A 134 -5.61 7.50 12.34
CA ASN A 134 -5.99 8.77 11.67
C ASN A 134 -5.45 9.97 12.43
N THR A 135 -4.86 10.95 11.75
CA THR A 135 -4.21 12.09 12.40
C THR A 135 -5.10 13.34 12.61
N VAL A 136 -6.38 13.29 12.28
CA VAL A 136 -7.25 14.45 12.43
C VAL A 136 -7.43 14.83 13.90
N SER A 137 -7.14 16.08 14.21
CA SER A 137 -7.22 16.66 15.54
C SER A 137 -8.16 17.88 15.52
N PRO A 138 -8.96 18.11 16.59
CA PRO A 138 -9.07 17.33 17.83
C PRO A 138 -10.00 16.11 17.75
N THR A 139 -10.72 15.96 16.65
CA THR A 139 -11.68 14.87 16.50
C THR A 139 -11.19 13.85 15.45
N GLN A 140 -10.72 12.67 15.89
CA GLN A 140 -10.21 11.64 14.97
C GLN A 140 -11.31 11.23 13.97
N GLN A 141 -10.93 10.99 12.70
CA GLN A 141 -11.89 10.63 11.66
C GLN A 141 -11.79 9.18 11.23
N LYS A 142 -12.87 8.62 10.65
CA LYS A 142 -12.89 7.24 10.18
C LYS A 142 -12.34 7.09 8.76
N THR A 143 -11.75 5.91 8.42
CA THR A 143 -11.31 5.68 7.04
C THR A 143 -12.54 5.48 6.12
N PHE A 144 -12.29 5.51 4.77
CA PHE A 144 -13.31 5.24 3.75
C PHE A 144 -13.88 3.83 3.98
N PHE A 145 -13.02 2.84 4.27
CA PHE A 145 -13.45 1.47 4.52
C PHE A 145 -14.40 1.39 5.72
N ASP A 146 -14.03 2.04 6.84
CA ASP A 146 -14.85 2.06 8.05
C ASP A 146 -16.20 2.71 7.79
N ASN A 147 -16.22 3.80 7.02
CA ASN A 147 -17.46 4.49 6.69
C ASN A 147 -18.34 3.66 5.74
N ALA A 148 -17.74 2.85 4.86
CA ALA A 148 -18.50 2.04 3.91
C ALA A 148 -19.02 0.73 4.50
N LYS A 149 -18.35 0.21 5.56
CA LYS A 149 -18.58 -1.10 6.21
C LYS A 149 -20.06 -1.53 6.36
N ALA A 150 -20.92 -0.65 6.89
CA ALA A 150 -22.33 -0.97 7.09
C ALA A 150 -23.05 -1.25 5.79
N SER A 151 -22.72 -0.49 4.75
CA SER A 151 -23.35 -0.63 3.45
C SER A 151 -22.86 -1.81 2.65
N LEU A 152 -21.66 -2.33 2.93
CA LEU A 152 -21.09 -3.42 2.13
C LEU A 152 -21.82 -4.73 2.30
N ASP A 153 -21.93 -5.53 1.22
CA ASP A 153 -22.53 -6.88 1.32
C ASP A 153 -21.78 -7.74 2.34
N SER A 154 -20.46 -7.57 2.42
CA SER A 154 -19.55 -8.27 3.31
C SER A 154 -18.49 -7.25 3.76
N PRO A 155 -18.07 -7.25 5.04
CA PRO A 155 -17.10 -6.22 5.50
C PRO A 155 -15.65 -6.52 5.08
N VAL A 156 -15.41 -6.70 3.77
CA VAL A 156 -14.10 -7.05 3.25
C VAL A 156 -13.68 -6.16 2.08
N PHE A 157 -12.38 -6.05 1.88
CA PHE A 157 -11.85 -5.49 0.65
C PHE A 157 -10.73 -6.43 0.18
N THR A 158 -10.57 -6.57 -1.13
CA THR A 158 -9.54 -7.43 -1.67
C THR A 158 -8.56 -6.61 -2.53
N ALA A 159 -7.27 -7.00 -2.51
CA ALA A 159 -6.22 -6.35 -3.30
C ALA A 159 -5.69 -7.41 -4.24
N ASP A 160 -5.72 -7.14 -5.54
CA ASP A 160 -5.21 -8.05 -6.55
C ASP A 160 -4.27 -7.19 -7.42
N LEU A 161 -3.04 -6.99 -6.97
CA LEU A 161 -2.08 -6.15 -7.68
C LEU A 161 -1.37 -6.91 -8.79
N GLY A 162 -1.20 -6.25 -9.94
CA GLY A 162 -0.56 -6.85 -11.09
C GLY A 162 0.94 -6.65 -11.16
N TYR A 163 1.64 -7.58 -11.80
CA TYR A 163 3.08 -7.45 -12.02
C TYR A 163 3.21 -6.80 -13.39
N HIS A 164 3.68 -5.56 -13.44
CA HIS A 164 3.81 -4.76 -14.66
C HIS A 164 2.52 -4.71 -15.45
N ALA A 165 1.39 -4.65 -14.76
CA ALA A 165 0.07 -4.72 -15.35
C ALA A 165 -0.99 -4.19 -14.38
N PRO A 166 -2.14 -3.76 -14.91
CA PRO A 166 -3.23 -3.31 -14.04
C PRO A 166 -3.80 -4.46 -13.18
N GLY A 167 -4.39 -4.07 -12.08
CA GLY A 167 -4.99 -4.95 -11.10
C GLY A 167 -6.31 -4.39 -10.61
N THR A 168 -6.83 -4.98 -9.53
CA THR A 168 -8.13 -4.59 -9.03
C THR A 168 -8.21 -4.48 -7.50
N TYR A 169 -8.96 -3.48 -7.02
CA TYR A 169 -9.31 -3.36 -5.63
C TYR A 169 -10.84 -3.56 -5.62
N ASN A 170 -11.32 -4.53 -4.84
CA ASN A 170 -12.76 -4.78 -4.75
C ASN A 170 -13.23 -4.55 -3.32
N PHE A 171 -14.39 -3.93 -3.15
CA PHE A 171 -14.95 -3.65 -1.85
C PHE A 171 -16.30 -4.36 -1.70
N GLY A 172 -16.48 -5.11 -0.63
CA GLY A 172 -17.76 -5.77 -0.34
C GLY A 172 -17.97 -7.18 -0.84
N PHE A 173 -17.03 -7.76 -1.58
CA PHE A 173 -17.19 -9.13 -2.10
C PHE A 173 -15.86 -9.79 -2.47
N ILE A 174 -15.84 -11.12 -2.55
CA ILE A 174 -14.67 -11.88 -2.93
C ILE A 174 -14.91 -12.51 -4.28
N ASP A 175 -14.14 -12.12 -5.27
CA ASP A 175 -14.27 -12.63 -6.62
C ASP A 175 -13.60 -14.01 -6.68
N THR A 176 -14.42 -15.08 -6.71
CA THR A 176 -13.92 -16.45 -6.75
C THR A 176 -13.26 -16.84 -8.06
N THR A 177 -13.29 -15.98 -9.09
CA THR A 177 -12.57 -16.28 -10.34
C THR A 177 -11.15 -15.66 -10.35
N ALA A 178 -10.83 -14.75 -9.41
CA ALA A 178 -9.55 -14.06 -9.38
C ALA A 178 -8.39 -14.86 -8.77
N TYR A 179 -8.66 -16.05 -8.21
CA TYR A 179 -7.58 -16.83 -7.58
C TYR A 179 -7.71 -18.34 -7.87
N THR A 180 -6.67 -19.11 -7.55
CA THR A 180 -6.66 -20.56 -7.70
C THR A 180 -6.55 -21.21 -6.31
N GLY A 181 -7.08 -22.43 -6.18
CA GLY A 181 -7.05 -23.16 -4.93
C GLY A 181 -7.95 -22.52 -3.89
N SER A 182 -7.54 -22.55 -2.64
CA SER A 182 -8.37 -21.97 -1.59
C SER A 182 -7.68 -20.82 -0.89
N ILE A 183 -8.45 -19.98 -0.21
CA ILE A 183 -7.89 -18.86 0.53
C ILE A 183 -7.50 -19.34 1.92
N THR A 184 -6.27 -19.07 2.36
CA THR A 184 -5.85 -19.41 3.71
C THR A 184 -5.98 -18.15 4.56
N TYR A 185 -6.77 -18.20 5.64
CA TYR A 185 -6.91 -17.05 6.52
C TYR A 185 -6.00 -17.13 7.71
N THR A 186 -5.50 -16.00 8.18
CA THR A 186 -4.59 -15.93 9.32
C THR A 186 -5.01 -14.76 10.23
N ALA A 187 -4.71 -14.89 11.52
CA ALA A 187 -5.07 -13.89 12.51
C ALA A 187 -4.41 -12.55 12.31
N VAL A 188 -5.14 -11.51 12.63
CA VAL A 188 -4.64 -10.14 12.57
C VAL A 188 -4.65 -9.54 13.98
N SER A 189 -3.58 -8.83 14.31
CA SER A 189 -3.46 -8.07 15.54
C SER A 189 -3.68 -6.60 15.13
N THR A 190 -4.54 -5.88 15.82
CA THR A 190 -4.79 -4.47 15.53
C THR A 190 -4.18 -3.51 16.55
N LYS A 191 -3.36 -4.03 17.48
CA LYS A 191 -2.74 -3.27 18.57
C LYS A 191 -1.97 -2.04 18.11
N GLN A 192 -1.22 -2.12 16.99
CA GLN A 192 -0.50 -0.92 16.50
C GLN A 192 -1.29 -0.15 15.39
N GLY A 193 -2.50 -0.58 15.08
CA GLY A 193 -3.34 0.05 14.07
C GLY A 193 -3.13 -0.48 12.66
N PHE A 194 -2.28 -1.51 12.50
CA PHE A 194 -1.97 -2.07 11.19
C PHE A 194 -2.61 -3.43 10.95
N TRP A 195 -2.63 -3.87 9.68
CA TRP A 195 -3.05 -5.21 9.32
C TRP A 195 -1.81 -6.06 9.61
N GLU A 196 -1.62 -6.40 10.89
CA GLU A 196 -0.44 -7.08 11.37
C GLU A 196 -0.69 -8.55 11.53
N TRP A 197 0.18 -9.37 10.98
CA TRP A 197 -0.01 -10.82 11.00
C TRP A 197 1.32 -11.55 11.19
N THR A 198 1.26 -12.87 11.36
CA THR A 198 2.48 -13.64 11.55
C THR A 198 2.71 -14.67 10.47
N SER A 199 3.80 -14.50 9.72
CA SER A 199 4.16 -15.46 8.68
C SER A 199 4.82 -16.68 9.32
N THR A 200 4.59 -17.86 8.74
CA THR A 200 5.07 -19.10 9.34
C THR A 200 6.43 -19.57 8.84
N GLY A 201 7.09 -18.78 7.99
CA GLY A 201 8.40 -19.14 7.51
C GLY A 201 8.73 -18.72 6.11
N TYR A 202 9.82 -19.29 5.58
CA TYR A 202 10.26 -18.89 4.27
C TYR A 202 11.16 -19.95 3.63
N ALA A 203 11.33 -19.85 2.30
CA ALA A 203 12.25 -20.67 1.55
C ALA A 203 12.96 -19.75 0.47
N VAL A 204 14.21 -20.06 0.12
CA VAL A 204 14.93 -19.33 -0.93
C VAL A 204 15.08 -20.32 -2.09
N GLY A 205 14.56 -19.97 -3.27
CA GLY A 205 14.60 -20.83 -4.44
C GLY A 205 13.95 -22.18 -4.19
N SER A 206 14.63 -23.25 -4.58
CA SER A 206 14.11 -24.60 -4.36
C SER A 206 14.65 -25.23 -3.04
N GLY A 207 15.11 -24.41 -2.11
CA GLY A 207 15.62 -24.85 -0.82
C GLY A 207 14.58 -25.31 0.18
N THR A 208 15.03 -25.82 1.31
CA THR A 208 14.16 -26.30 2.38
C THR A 208 13.41 -25.12 3.02
N PHE A 209 12.16 -25.33 3.38
CA PHE A 209 11.39 -24.29 4.04
C PHE A 209 11.84 -24.21 5.49
N LYS A 210 12.11 -23.02 5.96
CA LYS A 210 12.52 -22.74 7.32
C LYS A 210 11.32 -22.25 8.13
N SER A 211 10.84 -23.05 9.12
CA SER A 211 9.72 -22.65 9.97
C SER A 211 10.21 -21.69 11.02
N THR A 212 9.74 -20.44 10.96
CA THR A 212 10.13 -19.38 11.88
C THR A 212 9.04 -18.31 11.83
N SER A 213 8.68 -17.76 12.97
CA SER A 213 7.65 -16.74 13.05
C SER A 213 8.16 -15.36 12.63
N ILE A 214 7.53 -14.75 11.63
CA ILE A 214 7.92 -13.43 11.18
C ILE A 214 6.72 -12.51 11.32
N ASP A 215 6.74 -11.60 12.29
CA ASP A 215 5.66 -10.66 12.49
C ASP A 215 5.84 -9.46 11.54
N GLY A 216 4.81 -9.19 10.75
CA GLY A 216 4.87 -8.08 9.80
C GLY A 216 3.52 -7.52 9.43
N ILE A 217 3.51 -6.48 8.61
CA ILE A 217 2.28 -5.83 8.21
C ILE A 217 2.02 -5.97 6.71
N ALA A 218 0.77 -6.15 6.34
CA ALA A 218 0.39 -6.22 4.92
C ALA A 218 0.24 -4.75 4.51
N ASP A 219 1.18 -4.25 3.69
CA ASP A 219 1.18 -2.84 3.34
C ASP A 219 1.22 -2.55 1.85
N THR A 220 0.07 -2.20 1.26
CA THR A 220 0.00 -1.85 -0.15
C THR A 220 0.75 -0.53 -0.49
N GLY A 221 0.98 0.32 0.50
CA GLY A 221 1.66 1.58 0.31
C GLY A 221 3.17 1.54 0.36
N THR A 222 3.78 0.36 0.56
CA THR A 222 5.22 0.20 0.59
C THR A 222 5.57 -0.67 -0.63
N THR A 223 6.56 -0.24 -1.41
CA THR A 223 6.91 -0.92 -2.65
C THR A 223 7.60 -2.28 -2.43
N LEU A 224 8.56 -2.31 -1.51
CA LEU A 224 9.40 -3.46 -1.33
C LEU A 224 9.00 -4.36 -0.18
N LEU A 225 9.72 -5.49 -0.07
CA LEU A 225 9.55 -6.47 0.98
C LEU A 225 10.69 -6.25 2.00
N TYR A 226 10.36 -5.82 3.24
CA TYR A 226 11.33 -5.57 4.33
C TYR A 226 11.26 -6.68 5.38
N LEU A 227 12.32 -7.51 5.47
CA LEU A 227 12.34 -8.69 6.35
C LEU A 227 13.56 -8.68 7.29
N PRO A 228 13.60 -9.50 8.37
CA PRO A 228 14.77 -9.44 9.27
C PRO A 228 16.10 -9.71 8.55
N ALA A 229 17.20 -9.16 9.11
CA ALA A 229 18.51 -9.25 8.51
C ALA A 229 18.95 -10.67 8.21
N THR A 230 18.59 -11.65 9.08
CA THR A 230 18.99 -13.04 8.89
C THR A 230 18.34 -13.62 7.64
N VAL A 231 17.05 -13.31 7.44
CA VAL A 231 16.32 -13.80 6.27
C VAL A 231 16.87 -13.15 4.98
N VAL A 232 17.05 -11.84 4.99
CA VAL A 232 17.53 -11.11 3.81
C VAL A 232 18.94 -11.53 3.39
N SER A 233 19.84 -11.79 4.39
CA SER A 233 21.19 -12.27 4.14
C SER A 233 21.18 -13.66 3.50
N ALA A 234 20.30 -14.56 3.98
CA ALA A 234 20.18 -15.90 3.41
C ALA A 234 19.69 -15.84 1.92
N TYR A 235 18.79 -14.90 1.60
CA TYR A 235 18.31 -14.75 0.22
C TYR A 235 19.46 -14.24 -0.70
N TRP A 236 20.10 -13.12 -0.33
CA TRP A 236 21.13 -12.51 -1.18
C TRP A 236 22.43 -13.33 -1.30
N ALA A 237 22.68 -14.25 -0.35
CA ALA A 237 23.82 -15.18 -0.42
C ALA A 237 23.69 -16.11 -1.62
N GLN A 238 22.48 -16.35 -2.12
CA GLN A 238 22.28 -17.18 -3.30
C GLN A 238 22.44 -16.44 -4.63
N VAL A 239 22.76 -15.13 -4.61
CA VAL A 239 22.91 -14.36 -5.86
C VAL A 239 24.38 -13.99 -6.01
N SER A 240 25.05 -14.54 -7.02
CA SER A 240 26.47 -14.26 -7.24
C SER A 240 26.74 -12.78 -7.45
N GLY A 241 27.61 -12.22 -6.64
CA GLY A 241 27.98 -10.81 -6.75
C GLY A 241 27.08 -9.86 -5.99
N ALA A 242 26.00 -10.38 -5.32
CA ALA A 242 25.13 -9.48 -4.54
C ALA A 242 25.86 -8.98 -3.31
N LYS A 243 25.59 -7.75 -2.88
CA LYS A 243 26.21 -7.19 -1.69
C LYS A 243 25.35 -6.05 -1.13
N SER A 244 25.53 -5.77 0.15
CA SER A 244 24.85 -4.65 0.77
C SER A 244 25.71 -3.39 0.56
N SER A 245 25.13 -2.34 0.00
CA SER A 245 25.83 -1.11 -0.26
C SER A 245 25.31 0.01 0.66
N SER A 246 26.19 0.59 1.49
CA SER A 246 25.78 1.72 2.34
C SER A 246 25.58 2.99 1.50
N SER A 247 26.34 3.15 0.39
CA SER A 247 26.17 4.31 -0.48
C SER A 247 24.82 4.29 -1.21
N VAL A 248 24.37 3.09 -1.60
CA VAL A 248 23.09 2.94 -2.26
C VAL A 248 21.95 2.93 -1.23
N GLY A 249 22.18 2.27 -0.11
CA GLY A 249 21.19 2.16 0.94
C GLY A 249 20.49 0.82 0.96
N GLY A 250 21.21 -0.24 0.57
CA GLY A 250 20.63 -1.57 0.54
C GLY A 250 21.37 -2.57 -0.32
N TYR A 251 20.80 -3.73 -0.48
CA TYR A 251 21.33 -4.81 -1.30
C TYR A 251 21.16 -4.48 -2.78
N VAL A 252 22.25 -4.64 -3.53
CA VAL A 252 22.37 -4.47 -4.96
C VAL A 252 22.95 -5.77 -5.54
N PHE A 253 22.71 -6.03 -6.81
CA PHE A 253 23.20 -7.24 -7.46
C PHE A 253 23.54 -6.97 -8.93
N PRO A 254 24.41 -7.80 -9.56
CA PRO A 254 24.72 -7.58 -10.98
C PRO A 254 23.47 -7.76 -11.83
N CYS A 255 23.15 -6.75 -12.67
CA CYS A 255 21.94 -6.82 -13.49
C CYS A 255 21.85 -8.06 -14.37
N SER A 256 22.97 -8.72 -14.66
CA SER A 256 22.96 -9.94 -15.48
C SER A 256 22.56 -11.21 -14.69
N ALA A 257 22.57 -11.16 -13.35
CA ALA A 257 22.23 -12.33 -12.54
C ALA A 257 20.76 -12.73 -12.62
N THR A 258 20.49 -14.03 -12.41
CA THR A 258 19.12 -14.56 -12.39
C THR A 258 18.74 -14.66 -10.91
N LEU A 259 17.59 -14.08 -10.53
CA LEU A 259 17.21 -14.09 -9.12
C LEU A 259 16.38 -15.32 -8.75
N PRO A 260 16.70 -15.95 -7.61
CA PRO A 260 15.84 -17.05 -7.14
C PRO A 260 14.50 -16.52 -6.65
N SER A 261 13.50 -17.40 -6.60
CA SER A 261 12.20 -17.03 -6.08
C SER A 261 12.30 -16.95 -4.53
N PHE A 262 11.28 -16.39 -3.89
CA PHE A 262 11.22 -16.30 -2.45
C PHE A 262 9.84 -16.83 -2.01
N THR A 263 9.79 -17.78 -1.08
CA THR A 263 8.50 -18.30 -0.60
C THR A 263 8.24 -17.82 0.84
N PHE A 264 7.00 -17.39 1.14
CA PHE A 264 6.64 -17.06 2.52
C PHE A 264 5.44 -17.93 2.92
N GLY A 265 5.40 -18.33 4.19
CA GLY A 265 4.33 -19.18 4.68
C GLY A 265 3.15 -18.40 5.23
N VAL A 266 1.92 -18.90 4.96
CA VAL A 266 0.69 -18.33 5.48
C VAL A 266 0.00 -19.55 6.07
N GLY A 267 0.13 -19.77 7.38
CA GLY A 267 -0.35 -21.00 8.00
C GLY A 267 0.41 -22.16 7.41
N SER A 268 -0.31 -23.13 6.87
CA SER A 268 0.33 -24.27 6.17
C SER A 268 0.49 -24.05 4.64
N ALA A 269 -0.02 -22.94 4.11
CA ALA A 269 0.07 -22.62 2.71
C ALA A 269 1.39 -21.88 2.42
N ARG A 270 1.79 -21.86 1.15
CA ARG A 270 3.01 -21.23 0.71
C ARG A 270 2.69 -20.25 -0.44
N ILE A 271 3.24 -19.03 -0.38
CA ILE A 271 3.07 -18.05 -1.43
C ILE A 271 4.46 -17.86 -2.06
N VAL A 272 4.58 -18.13 -3.38
CA VAL A 272 5.86 -18.02 -4.07
C VAL A 272 5.95 -16.70 -4.83
N ILE A 273 6.98 -15.92 -4.55
CA ILE A 273 7.24 -14.68 -5.26
C ILE A 273 8.26 -15.02 -6.32
N PRO A 274 7.93 -14.91 -7.62
CA PRO A 274 8.93 -15.21 -8.66
C PRO A 274 10.12 -14.24 -8.57
N GLY A 275 11.33 -14.72 -8.85
CA GLY A 275 12.55 -13.92 -8.78
C GLY A 275 12.53 -12.65 -9.62
N ASP A 276 11.84 -12.66 -10.78
CA ASP A 276 11.69 -11.49 -11.65
C ASP A 276 11.00 -10.31 -10.89
N TYR A 277 10.09 -10.63 -9.93
CA TYR A 277 9.40 -9.60 -9.12
C TYR A 277 10.40 -8.88 -8.15
N ILE A 278 11.56 -9.48 -7.87
CA ILE A 278 12.51 -8.91 -6.93
C ILE A 278 13.55 -7.97 -7.65
N ASP A 279 13.48 -7.85 -8.97
CA ASP A 279 14.38 -6.96 -9.72
C ASP A 279 13.79 -5.54 -9.78
N PHE A 280 14.47 -4.55 -9.19
CA PHE A 280 14.02 -3.16 -9.31
C PHE A 280 14.92 -2.30 -10.23
N GLY A 281 15.65 -2.96 -11.13
CA GLY A 281 16.43 -2.31 -12.16
C GLY A 281 17.65 -1.55 -11.73
N PRO A 282 18.32 -0.91 -12.69
CA PRO A 282 19.57 -0.21 -12.37
C PRO A 282 19.44 0.87 -11.31
N ILE A 283 20.45 0.97 -10.42
CA ILE A 283 20.48 1.99 -9.37
C ILE A 283 20.53 3.42 -9.97
N SER A 284 21.11 3.57 -11.15
CA SER A 284 21.19 4.81 -11.92
C SER A 284 21.16 4.45 -13.39
N THR A 285 20.76 5.39 -14.24
CA THR A 285 20.68 5.16 -15.68
C THR A 285 22.03 4.71 -16.24
N GLY A 286 22.03 3.57 -16.92
CA GLY A 286 23.23 3.02 -17.52
C GLY A 286 24.05 2.10 -16.63
N SER A 287 23.76 2.08 -15.33
CA SER A 287 24.51 1.24 -14.39
C SER A 287 24.30 -0.25 -14.63
N SER A 288 25.32 -1.05 -14.38
CA SER A 288 25.19 -2.51 -14.46
C SER A 288 24.87 -3.15 -13.07
N SER A 289 24.63 -2.31 -12.07
CA SER A 289 24.22 -2.71 -10.72
C SER A 289 22.74 -2.46 -10.60
N CYS A 290 22.04 -3.45 -10.12
CA CYS A 290 20.58 -3.42 -9.98
C CYS A 290 20.12 -3.43 -8.51
N PHE A 291 18.96 -2.80 -8.23
CA PHE A 291 18.45 -2.69 -6.89
C PHE A 291 17.52 -3.86 -6.51
N GLY A 292 17.78 -4.47 -5.36
CA GLY A 292 16.95 -5.58 -4.91
C GLY A 292 15.61 -5.22 -4.28
N GLY A 293 14.62 -6.08 -4.50
CA GLY A 293 13.28 -5.91 -3.98
C GLY A 293 13.07 -6.45 -2.57
N ILE A 294 14.07 -7.18 -2.02
CA ILE A 294 14.06 -7.72 -0.66
C ILE A 294 15.16 -7.01 0.14
N GLN A 295 14.75 -6.20 1.12
CA GLN A 295 15.69 -5.41 1.92
C GLN A 295 15.51 -5.66 3.41
N SER A 296 16.53 -5.33 4.20
CA SER A 296 16.49 -5.53 5.63
C SER A 296 15.53 -4.54 6.32
N SER A 297 14.77 -5.01 7.31
CA SER A 297 13.91 -4.13 8.11
C SER A 297 14.60 -3.60 9.38
N ALA A 298 15.89 -3.94 9.61
CA ALA A 298 16.64 -3.55 10.81
C ALA A 298 16.57 -2.05 11.16
N GLY A 299 16.70 -1.18 10.16
CA GLY A 299 16.61 0.26 10.40
C GLY A 299 15.20 0.81 10.52
N ILE A 300 14.18 0.00 10.14
CA ILE A 300 12.76 0.40 10.13
C ILE A 300 12.05 0.12 11.46
N GLY A 301 12.31 -1.03 12.04
CA GLY A 301 11.67 -1.39 13.30
C GLY A 301 10.47 -2.31 13.14
N ILE A 302 9.99 -2.50 11.92
CA ILE A 302 8.84 -3.35 11.67
C ILE A 302 9.08 -4.14 10.35
N ASN A 303 8.59 -5.38 10.26
CA ASN A 303 8.72 -6.14 9.02
C ASN A 303 7.54 -5.74 8.10
N ILE A 304 7.81 -5.50 6.81
CA ILE A 304 6.75 -5.06 5.89
C ILE A 304 6.61 -5.92 4.66
N PHE A 305 5.44 -6.57 4.50
CA PHE A 305 5.09 -7.32 3.31
C PHE A 305 4.47 -6.29 2.35
N GLY A 306 5.31 -5.64 1.57
CA GLY A 306 4.89 -4.60 0.64
C GLY A 306 4.42 -5.18 -0.68
N ASP A 307 4.32 -4.31 -1.72
CA ASP A 307 3.81 -4.66 -3.05
C ASP A 307 4.56 -5.86 -3.66
N VAL A 308 5.88 -6.00 -3.42
CA VAL A 308 6.65 -7.16 -3.94
C VAL A 308 6.02 -8.51 -3.54
N ALA A 309 5.60 -8.62 -2.29
CA ALA A 309 4.99 -9.85 -1.78
C ALA A 309 3.50 -9.92 -2.11
N LEU A 310 2.74 -8.81 -1.87
CA LEU A 310 1.29 -8.80 -2.06
C LEU A 310 0.88 -9.04 -3.50
N LYS A 311 1.66 -8.50 -4.47
CA LYS A 311 1.31 -8.67 -5.88
C LYS A 311 1.44 -10.13 -6.34
N ALA A 312 2.16 -10.99 -5.57
CA ALA A 312 2.25 -12.41 -5.93
C ALA A 312 1.00 -13.18 -5.41
N ALA A 313 0.03 -12.51 -4.73
CA ALA A 313 -1.11 -13.21 -4.16
C ALA A 313 -2.44 -12.44 -4.34
N PHE A 314 -3.58 -13.13 -4.13
CA PHE A 314 -4.88 -12.51 -4.06
C PHE A 314 -5.03 -12.32 -2.53
N VAL A 315 -5.30 -11.10 -2.09
CA VAL A 315 -5.29 -10.77 -0.67
C VAL A 315 -6.61 -10.23 -0.17
N VAL A 316 -7.18 -10.90 0.83
CA VAL A 316 -8.43 -10.48 1.42
C VAL A 316 -8.19 -9.77 2.74
N PHE A 317 -8.68 -8.56 2.87
CA PHE A 317 -8.61 -7.80 4.11
C PHE A 317 -10.01 -7.88 4.74
N ASN A 318 -10.18 -8.83 5.67
CA ASN A 318 -11.48 -9.05 6.30
C ASN A 318 -11.65 -8.16 7.52
N GLY A 319 -12.46 -7.13 7.40
CA GLY A 319 -12.71 -6.19 8.48
C GLY A 319 -13.90 -6.56 9.34
N ALA A 320 -14.10 -7.86 9.57
CA ALA A 320 -15.13 -8.36 10.48
C ALA A 320 -14.72 -8.01 11.95
N THR A 321 -15.61 -8.21 12.95
CA THR A 321 -15.38 -7.95 14.37
C THR A 321 -14.02 -8.44 14.84
N THR A 322 -13.64 -9.63 14.37
CA THR A 322 -12.32 -10.20 14.59
C THR A 322 -11.67 -10.18 13.22
N PRO A 323 -10.85 -9.17 12.93
CA PRO A 323 -10.24 -9.08 11.60
C PRO A 323 -9.25 -10.20 11.26
N THR A 324 -9.24 -10.66 10.00
CA THR A 324 -8.31 -11.67 9.48
C THR A 324 -7.75 -11.23 8.11
N LEU A 325 -6.68 -11.90 7.63
CA LEU A 325 -6.11 -11.65 6.32
C LEU A 325 -6.13 -12.97 5.58
N GLY A 326 -6.61 -12.95 4.34
CA GLY A 326 -6.66 -14.14 3.51
C GLY A 326 -5.64 -14.06 2.40
N PHE A 327 -5.01 -15.19 2.07
CA PHE A 327 -4.05 -15.25 1.01
C PHE A 327 -4.33 -16.44 0.13
N ALA A 328 -4.33 -16.22 -1.16
CA ALA A 328 -4.50 -17.27 -2.14
C ALA A 328 -3.50 -17.09 -3.25
N SER A 329 -3.13 -18.22 -3.87
CA SER A 329 -2.30 -18.16 -5.07
C SER A 329 -3.16 -17.68 -6.24
N LYS A 330 -2.53 -17.05 -7.23
CA LYS A 330 -3.25 -16.62 -8.43
C LYS A 330 -2.46 -16.87 -9.72
S DMS B . 20.02 9.00 -13.23
O DMS B . 19.64 7.67 -12.74
C1 DMS B . 19.75 10.18 -11.86
C2 DMS B . 21.83 9.07 -13.25
N1 PHN C . 16.44 2.82 -4.29
C2 PHN C . 17.64 3.09 -4.78
C3 PHN C . 17.95 2.94 -6.14
C4 PHN C . 16.95 2.51 -7.01
C4A PHN C . 15.66 2.23 -6.46
C5 PHN C . 14.58 1.79 -7.31
C6 PHN C . 13.32 1.51 -6.77
C6A PHN C . 13.09 1.67 -5.36
C7 PHN C . 11.80 1.41 -4.82
C8 PHN C . 11.62 1.60 -3.45
C9 PHN C . 12.69 2.01 -2.66
N10 PHN C . 13.88 2.28 -3.21
C10 PHN C . 14.10 2.10 -4.54
C1A PHN C . 15.44 2.38 -5.11
S DMS D . 9.74 2.83 4.69
O DMS D . 9.12 3.78 3.75
C1 DMS D . 11.41 2.55 4.04
C2 DMS D . 9.02 1.22 4.26
S DMS E . 25.53 -11.24 1.19
O DMS E . 24.69 -11.71 2.30
C1 DMS E . 26.86 -10.26 1.94
C2 DMS E . 26.55 -12.65 0.67
S DMS F . 15.96 -21.91 1.82
O DMS F . 14.82 -22.63 1.31
C1 DMS F . 15.48 -21.17 3.40
C2 DMS F . 17.16 -23.13 2.46
S DMS G . 26.59 -19.05 -3.71
O DMS G . 25.44 -19.00 -2.81
C1 DMS G . 26.29 -17.79 -4.98
C2 DMS G . 27.97 -18.21 -2.90
S DMS H . 11.53 4.36 -13.86
O DMS H . 10.54 4.59 -14.91
C1 DMS H . 13.16 4.66 -14.64
C2 DMS H . 11.50 5.82 -12.78
S DMS I . 1.37 6.68 9.33
O DMS I . 1.02 5.27 9.18
C1 DMS I . 0.99 7.15 11.05
C2 DMS I . 3.18 6.74 9.43
S DMS J . -2.99 2.62 17.58
O DMS J . -3.50 1.53 18.41
C1 DMS J . -3.36 4.17 18.47
C2 DMS J . -1.18 2.65 17.81
S DMS K . 11.18 13.83 2.11
O DMS K . 10.17 14.38 1.23
C1 DMS K . 12.78 14.21 1.34
C2 DMS K . 11.19 12.03 1.82
S DMS L . 0.10 -11.74 15.36
O DMS L . 0.64 -10.52 14.77
C1 DMS L . -1.67 -11.84 14.96
C2 DMS L . -0.06 -11.44 17.14
S DMS M . 7.33 3.20 -0.54
O DMS M . 8.19 2.10 -0.11
C1 DMS M . 7.01 4.16 0.97
C2 DMS M . 8.45 4.39 -1.35
S DMS N . 6.28 9.39 -11.00
O DMS N . 5.02 9.66 -10.29
C1 DMS N . 5.89 8.27 -12.37
C2 DMS N . 6.66 10.87 -11.97
S DMS O . 5.92 2.12 8.27
O DMS O . 6.84 3.25 8.37
C1 DMS O . 5.17 1.96 9.91
C2 DMS O . 4.46 2.69 7.35
S DMS P . -7.38 -6.40 -15.37
O DMS P . -7.80 -5.75 -14.13
C1 DMS P . -6.24 -7.74 -14.91
C2 DMS P . -8.78 -7.43 -15.93
S DMS Q . -8.66 -18.01 11.69
O DMS Q . -7.40 -17.43 11.23
C1 DMS Q . -9.81 -17.96 10.29
C2 DMS Q . -8.42 -19.81 11.76
S DMS R . -21.19 -8.36 -7.46
O DMS R . -20.57 -9.49 -6.73
C1 DMS R . -19.83 -7.45 -8.25
C2 DMS R . -21.93 -9.06 -8.95
S DMS S . 3.76 -23.92 8.98
O DMS S . 3.67 -25.22 8.31
C1 DMS S . 2.54 -23.95 10.33
C2 DMS S . 5.26 -23.95 10.00
#